data_3D6G
#
_entry.id   3D6G
#
_cell.length_a   49.778
_cell.length_b   79.155
_cell.length_c   139.223
_cell.angle_alpha   90.00
_cell.angle_beta   90.00
_cell.angle_gamma   90.00
#
_symmetry.space_group_name_H-M   'P 21 21 21'
#
loop_
_entity.id
_entity.type
_entity.pdbx_description
1 polymer 'Ig gamma-1 chain C region'
2 branched 2-acetamido-2-deoxy-beta-D-glucopyranose-(1-2)-alpha-D-mannopyranose-(1-3)-[2-acetamido-2-deoxy-beta-D-glucopyranose-(1-2)-alpha-D-mannopyranose-(1-6)]beta-D-mannopyranose-(1-4)-2-acetamido-2-deoxy-beta-D-glucopyranose-(1-4)-[alpha-L-fucopyranose-(1-6)]2-acetamido-2-deoxy-beta-D-glucopyranose
3 non-polymer '2-[[(2S)-2,6-bis[[(2S)-2,6-bis[[(2R)-2-[[(2R,3R)-2-[[(2R)-2-amino-5-carbamimidamido-pentanoyl]amino]-3-hydroxy-butanoyl]amino]-3-(4-hydroxyphenyl)propanoyl]amino]hexanoyl]amino]hexanoyl]amino]ethanoic acid'
4 water water
#
_entity_poly.entity_id   1
_entity_poly.type   'polypeptide(L)'
_entity_poly.pdbx_seq_one_letter_code
;GGPSVFLFPPKPKDTLMISRTPEVTCVVVDVSHEDPEVKFNWYVDGVEVHNAKTKPREEQYNSTYRVVSVLTVLHQDWLN
GKEYKCKVSNKALPAPIEKTISKAKGQPREPQVYTLPPSRDELTKNQVSLTCLVKGFYPSDIAVEWESNGQPENNYKTTP
PVLDSDGSFFLYSKLTVDKSRWQQGNVFSCSVMHEALHNHYTQKSLSLSP
;
_entity_poly.pdbx_strand_id   A,B
#
loop_
_chem_comp.id
_chem_comp.type
_chem_comp.name
_chem_comp.formula
BMA D-saccharide, beta linking beta-D-mannopyranose 'C6 H12 O6'
FUC L-saccharide, alpha linking alpha-L-fucopyranose 'C6 H12 O5'
MAN D-saccharide, alpha linking alpha-D-mannopyranose 'C6 H12 O6'
NAG D-saccharide, beta linking 2-acetamido-2-deoxy-beta-D-glucopyranose 'C8 H15 N O6'
X12 non-polymer '2-[[(2S)-2,6-bis[[(2S)-2,6-bis[[(2R)-2-[[(2R,3R)-2-[[(2R)-2-amino-5-carbamimidamido-pentanoyl]amino]-3-hydroxy-butanoyl]amino]-3-(4-hydroxyphenyl)propanoyl]amino]hexanoyl]amino]hexanoyl]amino]ethanoic acid' 'C96 H153 N31 O25'
#
# COMPACT_ATOMS: atom_id res chain seq x y z
N GLY A 1 -21.11 -21.56 1.96
CA GLY A 1 -20.77 -20.31 1.23
C GLY A 1 -21.99 -19.47 0.82
N GLY A 2 -22.64 -18.87 1.81
CA GLY A 2 -23.74 -17.94 1.57
C GLY A 2 -23.22 -16.56 1.22
N PRO A 3 -24.08 -15.53 1.38
CA PRO A 3 -23.72 -14.16 1.06
C PRO A 3 -22.58 -13.60 1.90
N SER A 4 -21.84 -12.64 1.33
CA SER A 4 -20.84 -11.86 2.00
C SER A 4 -21.20 -10.41 1.91
N VAL A 5 -20.65 -9.64 2.86
CA VAL A 5 -20.96 -8.23 3.05
C VAL A 5 -19.70 -7.40 3.09
N PHE A 6 -19.61 -6.36 2.25
CA PHE A 6 -18.47 -5.43 2.29
C PHE A 6 -18.99 -4.06 2.61
N LEU A 7 -18.35 -3.40 3.57
CA LEU A 7 -18.79 -2.11 4.02
C LEU A 7 -17.70 -1.04 3.71
N PHE A 8 -18.06 -0.04 2.92
CA PHE A 8 -17.14 0.90 2.40
C PHE A 8 -17.32 2.28 3.06
N PRO A 9 -16.22 2.95 3.40
CA PRO A 9 -16.32 4.22 4.15
C PRO A 9 -16.52 5.35 3.11
N PRO A 10 -16.81 6.57 3.54
CA PRO A 10 -16.79 7.71 2.60
C PRO A 10 -15.41 8.03 2.03
N LYS A 11 -15.37 8.86 1.00
CA LYS A 11 -14.10 9.30 0.41
C LYS A 11 -13.52 10.40 1.28
N PRO A 12 -12.20 10.44 1.40
CA PRO A 12 -11.60 11.46 2.25
C PRO A 12 -12.02 12.89 1.93
N LYS A 13 -12.22 13.22 0.65
CA LYS A 13 -12.61 14.56 0.26
C LYS A 13 -14.01 14.85 0.74
N ASP A 14 -14.85 13.82 0.77
CA ASP A 14 -16.27 13.99 1.00
C ASP A 14 -16.57 14.43 2.40
N THR A 15 -15.75 14.00 3.35
CA THR A 15 -16.02 14.27 4.77
C THR A 15 -15.45 15.60 5.19
N LEU A 16 -14.54 16.14 4.38
CA LEU A 16 -13.85 17.38 4.67
C LEU A 16 -14.48 18.63 4.04
N MET A 17 -15.38 18.47 3.08
CA MET A 17 -16.02 19.61 2.38
C MET A 17 -17.51 19.50 2.58
N ILE A 18 -18.12 20.54 3.13
CA ILE A 18 -19.57 20.45 3.44
C ILE A 18 -20.40 20.37 2.20
N SER A 19 -19.86 20.94 1.13
CA SER A 19 -20.50 20.90 -0.19
C SER A 19 -20.63 19.48 -0.75
N ARG A 20 -19.87 18.52 -0.21
CA ARG A 20 -19.89 17.16 -0.72
C ARG A 20 -20.72 16.29 0.16
N THR A 21 -21.02 15.10 -0.34
CA THR A 21 -21.96 14.20 0.26
C THR A 21 -21.27 12.88 0.61
N PRO A 22 -20.79 12.78 1.85
CA PRO A 22 -20.16 11.51 2.34
C PRO A 22 -21.14 10.36 2.54
N GLU A 23 -20.78 9.17 2.12
CA GLU A 23 -21.63 8.02 2.23
C GLU A 23 -20.89 6.80 2.75
N VAL A 24 -21.60 6.00 3.53
CA VAL A 24 -21.14 4.65 3.87
C VAL A 24 -21.95 3.70 3.01
N THR A 25 -21.27 2.73 2.40
CA THR A 25 -21.94 1.80 1.47
C THR A 25 -21.80 0.35 1.91
N CYS A 26 -22.94 -0.33 2.10
CA CYS A 26 -22.93 -1.72 2.49
C CYS A 26 -23.35 -2.56 1.30
N VAL A 27 -22.49 -3.51 0.91
CA VAL A 27 -22.74 -4.28 -0.31
C VAL A 27 -22.77 -5.76 0.04
N VAL A 28 -23.78 -6.45 -0.46
CA VAL A 28 -23.99 -7.86 -0.18
C VAL A 28 -23.84 -8.54 -1.50
N VAL A 29 -22.94 -9.53 -1.55
CA VAL A 29 -22.79 -10.37 -2.74
C VAL A 29 -23.08 -11.83 -2.41
N ASP A 30 -23.21 -12.64 -3.48
CA ASP A 30 -23.46 -14.09 -3.40
C ASP A 30 -24.76 -14.38 -2.70
N VAL A 31 -25.77 -13.57 -2.99
CA VAL A 31 -27.15 -13.83 -2.56
C VAL A 31 -27.73 -14.81 -3.60
N SER A 32 -28.35 -15.90 -3.11
CA SER A 32 -28.80 -16.99 -3.94
C SER A 32 -30.18 -16.69 -4.53
N HIS A 33 -30.50 -17.36 -5.63
CA HIS A 33 -31.85 -17.35 -6.22
C HIS A 33 -32.88 -18.00 -5.29
N GLU A 34 -32.51 -19.13 -4.68
CA GLU A 34 -33.36 -19.86 -3.72
C GLU A 34 -33.73 -19.05 -2.44
N ASP A 35 -32.86 -18.12 -2.04
CA ASP A 35 -33.18 -17.20 -0.93
C ASP A 35 -32.82 -15.74 -1.25
N PRO A 36 -33.62 -15.11 -2.14
CA PRO A 36 -33.20 -13.80 -2.66
C PRO A 36 -33.52 -12.59 -1.75
N GLU A 37 -34.39 -12.75 -0.75
CA GLU A 37 -34.74 -11.59 0.06
CA GLU A 37 -34.79 -11.62 0.12
C GLU A 37 -33.63 -11.19 1.03
N VAL A 38 -33.27 -9.91 0.96
CA VAL A 38 -32.24 -9.36 1.85
C VAL A 38 -32.80 -8.22 2.71
N LYS A 39 -32.52 -8.23 4.00
CA LYS A 39 -32.87 -7.06 4.82
C LYS A 39 -31.62 -6.37 5.40
N PHE A 40 -31.57 -5.03 5.30
CA PHE A 40 -30.59 -4.18 5.99
C PHE A 40 -31.11 -3.45 7.23
N ASN A 41 -30.31 -3.45 8.29
CA ASN A 41 -30.54 -2.55 9.42
C ASN A 41 -29.26 -1.73 9.61
N TRP A 42 -29.45 -0.44 9.85
CA TRP A 42 -28.34 0.45 10.05
C TRP A 42 -28.38 1.04 11.46
N TYR A 43 -27.19 1.21 12.04
CA TYR A 43 -26.95 1.75 13.36
C TYR A 43 -25.76 2.72 13.36
N VAL A 44 -25.91 3.79 14.12
CA VAL A 44 -24.89 4.81 14.26
C VAL A 44 -24.67 4.82 15.77
N ASP A 45 -23.47 4.47 16.20
CA ASP A 45 -23.19 4.21 17.61
C ASP A 45 -24.19 3.25 18.30
N GLY A 46 -24.68 2.24 17.55
CA GLY A 46 -25.57 1.25 18.16
C GLY A 46 -27.04 1.67 18.21
N VAL A 47 -27.35 2.87 17.76
CA VAL A 47 -28.73 3.38 17.71
C VAL A 47 -29.20 3.19 16.27
N GLU A 48 -30.32 2.51 16.06
CA GLU A 48 -30.85 2.28 14.72
C GLU A 48 -31.27 3.57 14.00
N VAL A 49 -30.90 3.67 12.72
CA VAL A 49 -31.30 4.77 11.85
C VAL A 49 -32.06 4.23 10.65
N HIS A 50 -32.88 5.04 10.01
CA HIS A 50 -33.83 4.54 9.03
CA HIS A 50 -33.81 4.52 9.00
C HIS A 50 -33.79 5.32 7.71
N ASN A 51 -32.73 6.10 7.51
CA ASN A 51 -32.66 6.94 6.32
C ASN A 51 -31.71 6.41 5.25
N ALA A 52 -31.22 5.19 5.38
CA ALA A 52 -30.51 4.56 4.26
C ALA A 52 -31.37 4.42 2.98
N LYS A 53 -30.70 4.28 1.84
CA LYS A 53 -31.35 4.07 0.55
C LYS A 53 -30.81 2.79 -0.06
N THR A 54 -31.71 1.82 -0.18
CA THR A 54 -31.37 0.50 -0.62
C THR A 54 -31.82 0.35 -2.06
N LYS A 55 -30.95 -0.14 -2.93
CA LYS A 55 -31.38 -0.38 -4.31
C LYS A 55 -31.93 -1.80 -4.40
N PRO A 56 -32.88 -2.04 -5.35
CA PRO A 56 -33.29 -3.44 -5.54
C PRO A 56 -32.14 -4.31 -6.07
N ARG A 57 -32.23 -5.59 -5.74
CA ARG A 57 -31.21 -6.55 -6.05
C ARG A 57 -30.86 -6.56 -7.53
N GLU A 58 -29.58 -6.72 -7.85
CA GLU A 58 -29.18 -6.87 -9.24
C GLU A 58 -28.49 -8.21 -9.48
N GLU A 59 -29.08 -9.04 -10.34
CA GLU A 59 -28.44 -10.30 -10.72
C GLU A 59 -27.12 -10.08 -11.45
N GLN A 60 -26.09 -10.80 -11.03
CA GLN A 60 -24.79 -10.85 -11.70
C GLN A 60 -24.70 -11.97 -12.74
N TYR A 61 -23.64 -11.93 -13.54
CA TYR A 61 -23.47 -12.92 -14.60
C TYR A 61 -23.16 -14.31 -14.07
N ASN A 62 -22.84 -14.42 -12.79
CA ASN A 62 -22.59 -15.73 -12.15
C ASN A 62 -23.82 -16.28 -11.41
N SER A 63 -24.99 -15.72 -11.73
CA SER A 63 -26.28 -16.24 -11.27
C SER A 63 -26.52 -16.03 -9.76
N THR A 64 -25.78 -15.08 -9.17
CA THR A 64 -26.00 -14.56 -7.81
C THR A 64 -26.47 -13.10 -7.89
N TYR A 65 -27.09 -12.61 -6.80
CA TYR A 65 -27.46 -11.19 -6.68
C TYR A 65 -26.47 -10.38 -5.86
N ARG A 66 -26.41 -9.10 -6.19
CA ARG A 66 -25.64 -8.11 -5.46
C ARG A 66 -26.64 -7.06 -4.95
N VAL A 67 -26.59 -6.72 -3.67
CA VAL A 67 -27.55 -5.74 -3.13
C VAL A 67 -26.74 -4.68 -2.36
N VAL A 68 -27.05 -3.42 -2.64
CA VAL A 68 -26.32 -2.28 -2.12
C VAL A 68 -27.25 -1.42 -1.29
N SER A 69 -26.79 -1.02 -0.11
CA SER A 69 -27.49 -0.01 0.67
C SER A 69 -26.53 1.17 0.96
N VAL A 70 -27.02 2.39 0.74
CA VAL A 70 -26.24 3.60 1.02
C VAL A 70 -26.81 4.47 2.19
N LEU A 71 -25.98 4.65 3.18
CA LEU A 71 -26.22 5.59 4.27
C LEU A 71 -25.43 6.91 4.08
N THR A 72 -26.18 7.99 4.00
CA THR A 72 -25.62 9.33 4.01
C THR A 72 -25.17 9.69 5.42
N VAL A 73 -23.91 10.04 5.57
CA VAL A 73 -23.41 10.38 6.89
C VAL A 73 -23.22 11.89 7.00
N LEU A 74 -23.38 12.42 8.20
CA LEU A 74 -23.06 13.82 8.41
C LEU A 74 -21.55 13.94 8.61
N HIS A 75 -20.97 14.94 7.93
CA HIS A 75 -19.56 15.26 7.98
C HIS A 75 -19.01 15.24 9.42
N GLN A 76 -19.65 15.99 10.31
CA GLN A 76 -19.13 16.06 11.68
CA GLN A 76 -19.28 16.09 11.74
C GLN A 76 -19.36 14.77 12.50
N ASP A 77 -20.35 13.96 12.11
CA ASP A 77 -20.50 12.63 12.75
C ASP A 77 -19.31 11.72 12.41
N TRP A 78 -18.89 11.74 11.15
CA TRP A 78 -17.75 10.92 10.74
C TRP A 78 -16.48 11.35 11.45
N LEU A 79 -16.22 12.67 11.42
CA LEU A 79 -15.03 13.26 12.03
C LEU A 79 -15.04 13.16 13.54
N ASN A 80 -16.21 13.17 14.13
CA ASN A 80 -16.39 12.89 15.54
C ASN A 80 -16.27 11.39 15.91
N GLY A 81 -15.95 10.54 14.94
CA GLY A 81 -15.72 9.12 15.24
C GLY A 81 -16.95 8.26 15.52
N LYS A 82 -18.11 8.66 15.04
CA LYS A 82 -19.28 7.77 15.15
C LYS A 82 -19.07 6.43 14.40
N GLU A 83 -19.58 5.35 14.94
CA GLU A 83 -19.46 4.04 14.29
C GLU A 83 -20.74 3.65 13.52
N TYR A 84 -20.55 3.12 12.31
CA TYR A 84 -21.62 2.80 11.39
C TYR A 84 -21.68 1.27 11.21
N LYS A 85 -22.78 0.69 11.69
CA LYS A 85 -23.06 -0.73 11.56
C LYS A 85 -24.14 -0.98 10.51
N CYS A 86 -23.74 -1.78 9.52
CA CYS A 86 -24.62 -2.43 8.58
C CYS A 86 -24.93 -3.85 9.11
N LYS A 87 -26.21 -4.15 9.33
CA LYS A 87 -26.62 -5.51 9.68
C LYS A 87 -27.40 -6.09 8.50
N VAL A 88 -26.99 -7.27 8.05
CA VAL A 88 -27.58 -7.91 6.86
C VAL A 88 -28.21 -9.29 7.16
N SER A 89 -29.51 -9.37 6.87
CA SER A 89 -30.28 -10.59 7.08
C SER A 89 -30.74 -11.20 5.75
N ASN A 90 -30.55 -12.50 5.67
CA ASN A 90 -30.93 -13.31 4.51
C ASN A 90 -31.24 -14.69 5.08
N LYS A 91 -32.31 -15.28 4.57
CA LYS A 91 -32.76 -16.57 5.04
C LYS A 91 -31.81 -17.74 4.73
N ALA A 92 -30.78 -17.49 3.93
CA ALA A 92 -29.66 -18.45 3.79
C ALA A 92 -28.57 -18.29 4.91
N LEU A 93 -28.70 -17.28 5.77
CA LEU A 93 -27.79 -17.13 6.91
C LEU A 93 -28.30 -17.84 8.17
N PRO A 94 -27.38 -18.44 8.96
CA PRO A 94 -27.73 -18.96 10.30
C PRO A 94 -27.82 -17.83 11.34
N ALA A 95 -27.14 -16.72 11.05
CA ALA A 95 -27.25 -15.51 11.84
C ALA A 95 -26.97 -14.30 10.93
N PRO A 96 -27.64 -13.16 11.18
CA PRO A 96 -27.32 -11.98 10.37
C PRO A 96 -25.82 -11.61 10.41
N ILE A 97 -25.34 -11.05 9.32
CA ILE A 97 -23.96 -10.57 9.24
C ILE A 97 -23.95 -9.10 9.61
N GLU A 98 -23.10 -8.76 10.59
CA GLU A 98 -22.85 -7.37 10.97
C GLU A 98 -21.48 -6.92 10.49
N LYS A 99 -21.39 -5.73 9.92
CA LYS A 99 -20.09 -5.07 9.72
C LYS A 99 -20.12 -3.69 10.33
N THR A 100 -18.99 -3.30 10.91
CA THR A 100 -18.86 -1.97 11.50
C THR A 100 -17.67 -1.24 10.86
N ILE A 101 -17.83 0.07 10.61
CA ILE A 101 -16.75 0.92 10.10
C ILE A 101 -16.83 2.32 10.76
N SER A 102 -15.67 2.96 10.94
CA SER A 102 -15.59 4.33 11.42
C SER A 102 -14.24 4.90 11.01
N LYS A 103 -14.00 6.14 11.41
CA LYS A 103 -12.70 6.74 11.25
C LYS A 103 -11.75 6.03 12.23
N ALA A 104 -10.53 5.74 11.80
CA ALA A 104 -9.54 5.15 12.68
C ALA A 104 -9.42 5.90 14.00
N LYS A 105 -9.26 5.18 15.10
CA LYS A 105 -9.19 5.82 16.41
C LYS A 105 -7.82 6.43 16.72
N GLY A 106 -7.83 7.56 17.41
CA GLY A 106 -6.61 8.19 17.89
C GLY A 106 -6.72 9.69 17.74
N GLN A 107 -5.80 10.45 18.35
CA GLN A 107 -5.90 11.92 18.27
C GLN A 107 -5.37 12.39 16.93
N PRO A 108 -6.15 13.21 16.19
CA PRO A 108 -5.71 13.76 14.90
C PRO A 108 -4.48 14.62 14.98
N ARG A 109 -3.65 14.50 13.96
CA ARG A 109 -2.40 15.20 13.88
C ARG A 109 -2.32 15.92 12.55
N GLU A 110 -1.91 17.17 12.65
CA GLU A 110 -1.76 18.04 11.50
C GLU A 110 -0.57 17.69 10.60
N PRO A 111 -0.85 17.46 9.32
CA PRO A 111 0.18 17.20 8.30
C PRO A 111 1.17 18.38 8.13
N GLN A 112 2.44 18.06 8.01
CA GLN A 112 3.47 19.00 7.63
C GLN A 112 3.65 18.76 6.14
N VAL A 113 3.54 19.81 5.33
CA VAL A 113 3.62 19.69 3.86
C VAL A 113 4.86 20.44 3.34
N TYR A 114 5.79 19.70 2.75
CA TYR A 114 7.06 20.26 2.30
C TYR A 114 7.27 19.95 0.85
N THR A 115 7.67 20.93 0.06
CA THR A 115 7.94 20.70 -1.36
C THR A 115 9.44 20.63 -1.69
N LEU A 116 9.79 19.74 -2.61
CA LEU A 116 11.18 19.42 -2.89
C LEU A 116 11.38 19.39 -4.39
N PRO A 117 12.32 20.24 -4.90
CA PRO A 117 12.64 20.38 -6.32
C PRO A 117 13.34 19.13 -6.85
N PRO A 118 13.43 18.99 -8.19
CA PRO A 118 14.25 17.94 -8.84
C PRO A 118 15.66 17.91 -8.28
N SER A 119 16.22 16.69 -8.17
CA SER A 119 17.66 16.49 -7.97
C SER A 119 18.31 17.16 -9.14
N ARG A 120 19.50 17.71 -8.92
CA ARG A 120 20.35 18.26 -9.98
CA ARG A 120 20.27 18.28 -10.02
C ARG A 120 20.58 17.22 -11.07
N ASP A 121 20.80 15.96 -10.64
CA ASP A 121 21.14 14.85 -11.54
C ASP A 121 20.00 14.47 -12.46
N GLU A 122 18.77 14.85 -12.06
CA GLU A 122 17.59 14.62 -12.91
C GLU A 122 17.38 15.66 -14.02
N LEU A 123 18.01 16.83 -13.92
CA LEU A 123 17.78 17.89 -14.92
C LEU A 123 18.51 17.61 -16.24
N THR A 124 19.05 16.42 -16.30
CA THR A 124 19.57 15.78 -17.51
C THR A 124 18.45 15.20 -18.39
N LYS A 125 17.33 14.85 -17.75
CA LYS A 125 16.17 14.25 -18.42
C LYS A 125 15.28 15.31 -19.06
N ASN A 126 14.45 14.88 -20.01
CA ASN A 126 13.45 15.74 -20.63
C ASN A 126 12.28 16.10 -19.70
N GLN A 127 11.96 15.17 -18.80
CA GLN A 127 10.94 15.36 -17.77
C GLN A 127 11.56 15.31 -16.38
N VAL A 128 11.02 16.10 -15.45
CA VAL A 128 11.53 16.13 -14.07
C VAL A 128 10.43 15.95 -13.01
N SER A 129 10.87 15.63 -11.79
CA SER A 129 9.98 15.20 -10.72
C SER A 129 9.92 16.28 -9.66
N LEU A 130 8.71 16.78 -9.44
CA LEU A 130 8.46 17.68 -8.32
C LEU A 130 7.85 16.85 -7.18
N THR A 131 8.44 16.97 -6.01
CA THR A 131 8.02 16.19 -4.86
C THR A 131 7.29 16.99 -3.76
N CYS A 132 6.22 16.38 -3.26
CA CYS A 132 5.51 16.91 -2.14
C CYS A 132 5.61 15.93 -0.98
N LEU A 133 6.29 16.32 0.09
CA LEU A 133 6.38 15.39 1.24
C LEU A 133 5.31 15.83 2.23
N VAL A 134 4.43 14.91 2.60
CA VAL A 134 3.39 15.14 3.62
C VAL A 134 3.61 14.18 4.80
N LYS A 135 3.89 14.71 5.99
CA LYS A 135 4.26 13.87 7.13
C LYS A 135 3.57 14.21 8.45
N GLY A 136 3.58 13.25 9.36
CA GLY A 136 3.12 13.52 10.68
C GLY A 136 1.62 13.72 10.76
N PHE A 137 0.86 13.12 9.85
CA PHE A 137 -0.61 13.23 9.92
C PHE A 137 -1.29 11.99 10.50
N TYR A 138 -2.44 12.22 11.14
CA TYR A 138 -3.28 11.18 11.69
C TYR A 138 -4.70 11.73 11.73
N PRO A 139 -5.70 10.91 11.34
CA PRO A 139 -5.56 9.59 10.74
C PRO A 139 -5.03 9.64 9.28
N SER A 140 -4.89 8.47 8.65
CA SER A 140 -4.29 8.38 7.31
C SER A 140 -5.17 8.81 6.15
N ASP A 141 -6.42 9.11 6.43
CA ASP A 141 -7.34 9.64 5.43
C ASP A 141 -6.88 11.04 5.03
N ILE A 142 -6.56 11.19 3.74
CA ILE A 142 -5.99 12.43 3.21
C ILE A 142 -6.26 12.50 1.72
N ALA A 143 -6.29 13.71 1.17
CA ALA A 143 -6.33 13.87 -0.29
C ALA A 143 -5.21 14.83 -0.72
N VAL A 144 -4.53 14.46 -1.78
CA VAL A 144 -3.40 15.27 -2.30
C VAL A 144 -3.61 15.56 -3.78
N GLU A 145 -3.37 16.82 -4.14
CA GLU A 145 -3.51 17.28 -5.52
C GLU A 145 -2.41 18.25 -5.94
N TRP A 146 -2.19 18.27 -7.25
CA TRP A 146 -1.29 19.24 -7.85
C TRP A 146 -1.97 20.15 -8.84
N GLU A 147 -1.52 21.40 -8.84
CA GLU A 147 -1.96 22.35 -9.84
C GLU A 147 -0.89 23.38 -10.17
N SER A 148 -1.12 24.12 -11.24
CA SER A 148 -0.28 25.27 -11.59
C SER A 148 -1.15 26.25 -12.31
N ASN A 149 -0.98 27.53 -11.98
CA ASN A 149 -1.69 28.60 -12.65
C ASN A 149 -3.20 28.39 -12.70
N GLY A 150 -3.72 27.86 -11.61
CA GLY A 150 -5.15 27.69 -11.42
C GLY A 150 -5.64 26.28 -11.69
N GLN A 151 -4.97 25.57 -12.60
CA GLN A 151 -5.56 24.38 -13.19
C GLN A 151 -4.91 23.07 -12.76
N PRO A 152 -5.72 22.02 -12.65
CA PRO A 152 -5.19 20.72 -12.28
C PRO A 152 -4.12 20.22 -13.25
N GLU A 153 -3.05 19.66 -12.66
CA GLU A 153 -2.02 18.90 -13.35
C GLU A 153 -2.40 17.44 -13.27
N ASN A 154 -2.36 16.79 -14.41
CA ASN A 154 -2.79 15.42 -14.53
C ASN A 154 -1.67 14.43 -14.14
N ASN A 155 -0.45 14.72 -14.60
CA ASN A 155 0.67 13.79 -14.48
C ASN A 155 1.34 13.63 -13.11
N TYR A 156 0.59 13.16 -12.12
CA TYR A 156 1.14 12.96 -10.79
C TYR A 156 0.68 11.62 -10.23
N LYS A 157 1.49 11.04 -9.38
CA LYS A 157 1.11 9.82 -8.67
C LYS A 157 1.47 10.05 -7.22
N THR A 158 0.65 9.51 -6.31
CA THR A 158 0.86 9.71 -4.87
C THR A 158 1.05 8.32 -4.24
N THR A 159 2.03 8.15 -3.35
CA THR A 159 2.14 6.90 -2.56
C THR A 159 0.93 6.74 -1.59
N PRO A 160 0.57 5.49 -1.23
CA PRO A 160 -0.32 5.32 -0.09
C PRO A 160 0.33 5.87 1.17
N PRO A 161 -0.49 6.10 2.19
CA PRO A 161 0.07 6.50 3.46
C PRO A 161 0.93 5.36 4.03
N VAL A 162 2.04 5.76 4.65
CA VAL A 162 2.99 4.87 5.32
C VAL A 162 3.07 5.23 6.81
N LEU A 163 2.95 4.19 7.65
CA LEU A 163 3.01 4.32 9.09
C LEU A 163 4.43 4.67 9.46
N ASP A 164 4.62 5.80 10.12
CA ASP A 164 5.95 6.23 10.54
C ASP A 164 6.25 5.66 11.95
N SER A 165 7.49 5.83 12.40
CA SER A 165 7.95 5.46 13.75
C SER A 165 7.15 5.98 14.90
N ASP A 166 6.70 7.22 14.79
CA ASP A 166 5.97 7.81 15.90
C ASP A 166 4.48 7.49 15.90
N GLY A 167 4.05 6.54 15.08
CA GLY A 167 2.61 6.26 14.98
C GLY A 167 1.77 7.17 14.10
N SER A 168 2.37 8.25 13.60
CA SER A 168 1.72 9.06 12.56
C SER A 168 1.98 8.49 11.16
N PHE A 169 1.40 9.12 10.12
CA PHE A 169 1.58 8.72 8.72
C PHE A 169 2.37 9.74 7.91
N PHE A 170 2.92 9.28 6.79
CA PHE A 170 3.50 10.15 5.78
C PHE A 170 3.23 9.56 4.38
N LEU A 171 3.41 10.40 3.37
CA LEU A 171 3.33 9.93 2.02
C LEU A 171 4.16 10.88 1.17
N TYR A 172 4.38 10.51 -0.07
CA TYR A 172 4.94 11.47 -0.99
C TYR A 172 4.07 11.52 -2.27
N SER A 173 4.00 12.70 -2.86
CA SER A 173 3.33 12.89 -4.13
C SER A 173 4.39 13.34 -5.10
N LYS A 174 4.37 12.72 -6.25
CA LYS A 174 5.34 13.04 -7.29
C LYS A 174 4.60 13.58 -8.50
N LEU A 175 4.94 14.80 -8.89
CA LEU A 175 4.42 15.40 -10.10
C LEU A 175 5.51 15.46 -11.16
N THR A 176 5.18 14.96 -12.36
CA THR A 176 6.13 14.88 -13.46
C THR A 176 5.82 15.98 -14.44
N VAL A 177 6.80 16.88 -14.64
CA VAL A 177 6.66 17.96 -15.59
C VAL A 177 7.78 17.95 -16.61
N ASP A 178 7.48 18.52 -17.78
CA ASP A 178 8.51 18.77 -18.79
C ASP A 178 9.52 19.75 -18.21
N LYS A 179 10.79 19.42 -18.36
CA LYS A 179 11.90 20.20 -17.81
C LYS A 179 11.81 21.71 -18.13
N SER A 180 11.44 22.04 -19.37
CA SER A 180 11.32 23.45 -19.75
C SER A 180 10.32 24.24 -18.91
N ARG A 181 9.17 23.64 -18.58
CA ARG A 181 8.20 24.26 -17.66
C ARG A 181 8.80 24.57 -16.27
N TRP A 182 9.75 23.75 -15.82
CA TRP A 182 10.48 24.03 -14.59
C TRP A 182 11.54 25.13 -14.82
N GLN A 183 12.14 25.11 -16.01
CA GLN A 183 13.14 26.12 -16.37
C GLN A 183 12.50 27.49 -16.63
N GLN A 184 11.37 27.48 -17.35
CA GLN A 184 10.54 28.68 -17.58
C GLN A 184 10.14 29.41 -16.29
N GLY A 185 10.25 28.73 -15.14
CA GLY A 185 9.95 29.34 -13.85
C GLY A 185 8.49 29.31 -13.42
N ASN A 186 7.71 28.37 -13.96
CA ASN A 186 6.31 28.19 -13.52
C ASN A 186 6.20 27.68 -12.09
N VAL A 187 5.19 28.17 -11.41
CA VAL A 187 4.94 27.82 -10.03
C VAL A 187 3.94 26.67 -10.01
N PHE A 188 4.23 25.69 -9.18
CA PHE A 188 3.40 24.53 -9.06
C PHE A 188 2.96 24.44 -7.60
N SER A 189 1.78 23.88 -7.37
CA SER A 189 1.23 23.82 -6.02
C SER A 189 0.75 22.44 -5.67
N CYS A 190 1.24 21.97 -4.53
CA CYS A 190 0.76 20.79 -3.85
C CYS A 190 -0.27 21.26 -2.83
N SER A 191 -1.52 20.83 -2.97
CA SER A 191 -2.55 21.16 -1.98
C SER A 191 -2.99 19.88 -1.29
N VAL A 192 -3.26 20.00 -0.01
CA VAL A 192 -3.46 18.84 0.84
C VAL A 192 -4.75 19.04 1.63
N MET A 193 -5.65 18.06 1.62
CA MET A 193 -6.87 18.15 2.46
C MET A 193 -6.84 17.11 3.53
N HIS A 194 -7.03 17.55 4.79
CA HIS A 194 -6.94 16.65 5.94
C HIS A 194 -7.73 17.26 7.07
N GLU A 195 -8.28 16.45 7.98
CA GLU A 195 -9.17 17.02 9.01
C GLU A 195 -8.48 17.95 10.02
N ALA A 196 -7.16 17.80 10.18
CA ALA A 196 -6.37 18.55 11.17
C ALA A 196 -5.74 19.80 10.56
N LEU A 197 -6.16 20.17 9.36
CA LEU A 197 -5.73 21.43 8.77
C LEU A 197 -6.86 22.43 8.93
N HIS A 198 -6.50 23.70 9.06
CA HIS A 198 -7.44 24.81 9.09
C HIS A 198 -8.17 24.92 7.74
N ASN A 199 -9.50 24.97 7.79
CA ASN A 199 -10.37 24.85 6.62
C ASN A 199 -10.14 23.53 5.90
N HIS A 200 -9.52 22.59 6.59
CA HIS A 200 -9.16 21.24 6.07
C HIS A 200 -8.35 21.30 4.81
N TYR A 201 -7.56 22.37 4.63
CA TYR A 201 -6.80 22.56 3.39
C TYR A 201 -5.52 23.35 3.60
N THR A 202 -4.47 22.94 2.93
CA THR A 202 -3.28 23.75 2.87
C THR A 202 -2.71 23.53 1.50
N GLN A 203 -1.89 24.48 1.07
CA GLN A 203 -1.33 24.52 -0.28
C GLN A 203 0.09 25.07 -0.12
N LYS A 204 1.07 24.36 -0.66
CA LYS A 204 2.47 24.80 -0.66
C LYS A 204 2.97 24.80 -2.09
N SER A 205 3.70 25.86 -2.42
CA SER A 205 4.19 26.10 -3.77
C SER A 205 5.64 25.74 -3.98
N LEU A 206 5.95 25.39 -5.23
CA LEU A 206 7.30 25.04 -5.64
C LEU A 206 7.60 25.79 -6.93
N SER A 207 8.82 26.32 -7.04
CA SER A 207 9.26 27.04 -8.24
C SER A 207 10.78 27.06 -8.37
N LEU A 208 11.30 27.17 -9.59
CA LEU A 208 12.75 27.24 -9.80
C LEU A 208 13.31 28.42 -9.02
N SER A 209 14.19 28.13 -8.06
CA SER A 209 14.70 29.19 -7.18
C SER A 209 15.82 29.98 -7.85
N PRO A 210 15.75 31.33 -7.78
CA PRO A 210 16.66 32.17 -8.55
C PRO A 210 18.06 32.25 -7.91
N GLY B 1 -15.08 -24.65 4.32
CA GLY B 1 -15.36 -26.07 4.48
C GLY B 1 -14.09 -26.88 4.53
N GLY B 2 -12.93 -26.34 4.16
CA GLY B 2 -11.57 -26.82 4.40
C GLY B 2 -10.62 -25.64 4.58
N PRO B 3 -9.31 -25.89 4.65
CA PRO B 3 -8.23 -24.88 4.69
C PRO B 3 -8.19 -23.86 3.52
N SER B 4 -7.11 -23.08 3.43
CA SER B 4 -6.80 -22.20 2.29
C SER B 4 -5.27 -22.20 2.08
N VAL B 5 -4.82 -22.11 0.82
CA VAL B 5 -3.38 -22.12 0.49
C VAL B 5 -2.91 -20.75 -0.02
N PHE B 6 -1.76 -20.29 0.48
CA PHE B 6 -1.11 -19.03 0.00
C PHE B 6 0.37 -19.23 -0.30
N LEU B 7 0.80 -18.72 -1.46
CA LEU B 7 2.14 -18.91 -2.03
C LEU B 7 2.86 -17.54 -2.14
N PHE B 8 4.09 -17.47 -1.62
CA PHE B 8 4.85 -16.23 -1.51
C PHE B 8 6.18 -16.33 -2.17
N PRO B 9 6.64 -15.21 -2.79
CA PRO B 9 7.89 -15.14 -3.52
C PRO B 9 9.04 -14.91 -2.54
N PRO B 10 10.29 -15.00 -3.02
CA PRO B 10 11.44 -14.65 -2.18
C PRO B 10 11.53 -13.16 -1.89
N LYS B 11 12.27 -12.79 -0.86
CA LYS B 11 12.58 -11.35 -0.62
C LYS B 11 13.38 -10.82 -1.78
N PRO B 12 13.06 -9.60 -2.26
CA PRO B 12 13.85 -9.02 -3.36
C PRO B 12 15.35 -9.13 -3.15
N LYS B 13 15.80 -8.83 -1.95
CA LYS B 13 17.24 -8.80 -1.63
C LYS B 13 17.90 -10.19 -1.77
N ASP B 14 17.15 -11.23 -1.37
CA ASP B 14 17.62 -12.58 -1.33
C ASP B 14 17.98 -13.09 -2.70
N THR B 15 17.30 -12.60 -3.74
CA THR B 15 17.53 -13.10 -5.09
C THR B 15 18.64 -12.36 -5.80
N LEU B 16 19.05 -11.22 -5.25
CA LEU B 16 20.05 -10.35 -5.91
C LEU B 16 21.47 -10.60 -5.46
N MET B 17 21.60 -11.20 -4.27
CA MET B 17 22.89 -11.50 -3.63
C MET B 17 23.03 -13.00 -3.49
N ILE B 18 24.09 -13.51 -4.11
CA ILE B 18 24.36 -14.93 -4.22
C ILE B 18 24.64 -15.61 -2.88
N SER B 19 25.01 -14.80 -1.88
CA SER B 19 25.31 -15.28 -0.52
C SER B 19 24.04 -15.54 0.28
N ARG B 20 22.94 -14.99 -0.21
CA ARG B 20 21.67 -15.06 0.48
C ARG B 20 20.86 -16.23 -0.06
N THR B 21 19.89 -16.74 0.70
CA THR B 21 19.11 -17.86 0.23
C THR B 21 17.66 -17.46 -0.09
N PRO B 22 17.32 -17.33 -1.38
CA PRO B 22 15.94 -17.10 -1.78
C PRO B 22 14.98 -18.32 -1.61
N GLU B 23 13.80 -18.07 -1.07
CA GLU B 23 12.87 -19.13 -0.77
C GLU B 23 11.49 -18.79 -1.27
N VAL B 24 10.84 -19.79 -1.88
CA VAL B 24 9.40 -19.72 -2.11
C VAL B 24 8.65 -20.40 -0.96
N THR B 25 7.61 -19.77 -0.46
CA THR B 25 6.96 -20.26 0.75
C THR B 25 5.46 -20.54 0.53
N CYS B 26 5.03 -21.77 0.87
CA CYS B 26 3.64 -22.24 0.71
C CYS B 26 2.96 -22.37 2.08
N VAL B 27 1.95 -21.54 2.32
CA VAL B 27 1.30 -21.43 3.63
C VAL B 27 -0.17 -21.92 3.66
N VAL B 28 -0.46 -22.86 4.56
CA VAL B 28 -1.80 -23.43 4.65
C VAL B 28 -2.50 -23.03 5.97
N VAL B 29 -3.57 -22.25 5.86
CA VAL B 29 -4.34 -21.80 7.04
C VAL B 29 -5.57 -22.71 7.32
N ASP B 30 -6.39 -22.33 8.30
CA ASP B 30 -7.62 -23.08 8.64
C ASP B 30 -7.48 -24.61 8.72
N VAL B 31 -6.31 -25.11 9.11
CA VAL B 31 -6.18 -26.56 9.30
C VAL B 31 -6.77 -26.90 10.66
N SER B 32 -7.87 -27.64 10.67
CA SER B 32 -8.56 -27.98 11.92
C SER B 32 -7.99 -29.25 12.54
N HIS B 33 -8.39 -29.54 13.78
CA HIS B 33 -7.91 -30.72 14.49
C HIS B 33 -8.39 -32.01 13.83
N GLU B 34 -9.64 -32.01 13.36
CA GLU B 34 -10.31 -33.24 12.90
C GLU B 34 -9.65 -33.85 11.68
N ASP B 35 -9.17 -32.95 10.81
CA ASP B 35 -8.41 -33.31 9.61
C ASP B 35 -7.10 -32.54 9.63
N PRO B 36 -6.13 -33.03 10.40
CA PRO B 36 -4.93 -32.26 10.68
C PRO B 36 -3.76 -32.47 9.70
N GLU B 37 -3.77 -33.51 8.88
CA GLU B 37 -2.62 -33.76 7.98
C GLU B 37 -2.68 -33.12 6.59
N VAL B 38 -1.74 -32.21 6.33
CA VAL B 38 -1.55 -31.64 4.99
C VAL B 38 -0.27 -32.17 4.33
N LYS B 39 -0.30 -32.36 3.02
CA LYS B 39 0.90 -32.70 2.26
C LYS B 39 1.23 -31.57 1.30
N PHE B 40 2.37 -31.70 0.61
CA PHE B 40 2.85 -30.71 -0.39
C PHE B 40 3.61 -31.44 -1.52
N ASN B 41 3.42 -30.99 -2.77
CA ASN B 41 4.29 -31.37 -3.90
C ASN B 41 4.81 -30.09 -4.55
N TRP B 42 6.07 -30.08 -4.98
CA TRP B 42 6.64 -28.89 -5.65
C TRP B 42 7.08 -29.16 -7.07
N TYR B 43 6.96 -28.11 -7.89
CA TYR B 43 7.38 -28.16 -9.28
C TYR B 43 7.95 -26.83 -9.72
N VAL B 44 8.98 -26.93 -10.57
CA VAL B 44 9.65 -25.79 -11.15
C VAL B 44 9.53 -26.02 -12.65
N ASP B 45 8.63 -25.29 -13.31
CA ASP B 45 8.37 -25.45 -14.76
C ASP B 45 7.94 -26.84 -15.15
N GLY B 46 6.98 -27.39 -14.40
CA GLY B 46 6.49 -28.73 -14.67
C GLY B 46 7.12 -30.00 -14.17
N VAL B 47 8.42 -29.93 -13.93
CA VAL B 47 9.15 -30.92 -13.14
C VAL B 47 8.65 -31.04 -11.71
N GLU B 48 9.15 -32.07 -11.03
CA GLU B 48 9.09 -32.14 -9.59
C GLU B 48 10.51 -32.04 -9.06
N VAL B 49 10.64 -31.57 -7.82
CA VAL B 49 11.93 -31.49 -7.18
C VAL B 49 11.65 -31.73 -5.72
N HIS B 50 12.68 -32.06 -4.95
CA HIS B 50 12.44 -32.81 -3.73
C HIS B 50 13.08 -32.13 -2.54
N ASN B 51 13.70 -30.99 -2.82
CA ASN B 51 14.47 -30.28 -1.82
C ASN B 51 13.68 -29.25 -1.06
N ALA B 52 12.37 -29.24 -1.20
CA ALA B 52 11.53 -28.49 -0.26
C ALA B 52 11.51 -29.08 1.15
N LYS B 53 11.28 -28.22 2.14
CA LYS B 53 11.34 -28.55 3.56
C LYS B 53 10.09 -28.15 4.35
N THR B 54 9.41 -29.12 4.94
CA THR B 54 8.24 -28.79 5.73
C THR B 54 8.63 -28.50 7.17
N LYS B 55 8.54 -27.23 7.54
CA LYS B 55 8.80 -26.86 8.93
C LYS B 55 7.50 -27.04 9.72
N PRO B 56 7.57 -27.85 10.79
CA PRO B 56 6.41 -28.32 11.57
C PRO B 56 5.53 -27.19 12.13
N ARG B 57 4.27 -27.54 12.38
CA ARG B 57 3.16 -26.57 12.35
C ARG B 57 2.72 -25.96 13.69
N GLU B 58 2.07 -24.80 13.61
CA GLU B 58 1.70 -24.02 14.78
C GLU B 58 0.18 -23.88 15.01
N GLU B 59 -0.23 -24.09 16.26
CA GLU B 59 -1.61 -23.89 16.68
C GLU B 59 -1.97 -22.41 16.82
N GLN B 60 -3.00 -21.98 16.10
CA GLN B 60 -3.52 -20.61 16.20
C GLN B 60 -4.42 -20.38 17.40
N TYR B 61 -4.62 -19.11 17.75
CA TYR B 61 -5.44 -18.74 18.90
C TYR B 61 -6.94 -18.82 18.59
N ASN B 62 -7.28 -19.24 17.36
CA ASN B 62 -8.65 -19.61 17.02
C ASN B 62 -8.83 -21.14 16.93
N SER B 63 -7.84 -21.86 17.48
CA SER B 63 -7.85 -23.32 17.62
C SER B 63 -7.68 -24.09 16.31
N THR B 64 -7.09 -23.42 15.33
CA THR B 64 -6.75 -24.02 14.03
C THR B 64 -5.23 -23.97 13.79
N TYR B 65 -4.77 -24.69 12.78
CA TYR B 65 -3.35 -24.81 12.51
C TYR B 65 -2.87 -24.10 11.23
N ARG B 66 -1.61 -23.64 11.30
CA ARG B 66 -0.89 -23.08 10.17
CA ARG B 66 -0.87 -23.08 10.17
C ARG B 66 0.27 -24.01 9.81
N VAL B 67 0.29 -24.50 8.56
CA VAL B 67 1.31 -25.46 8.08
C VAL B 67 2.08 -24.93 6.84
N VAL B 68 3.42 -25.00 6.91
CA VAL B 68 4.33 -24.34 5.93
C VAL B 68 5.41 -25.23 5.30
N SER B 69 5.37 -25.34 3.97
CA SER B 69 6.49 -25.86 3.19
C SER B 69 7.30 -24.71 2.61
N VAL B 70 8.61 -24.92 2.53
CA VAL B 70 9.57 -23.90 2.11
C VAL B 70 10.54 -24.49 1.10
N LEU B 71 10.51 -23.96 -0.12
CA LEU B 71 11.41 -24.39 -1.16
C LEU B 71 12.50 -23.34 -1.40
N THR B 72 13.76 -23.74 -1.24
CA THR B 72 14.89 -22.91 -1.67
C THR B 72 14.91 -22.84 -3.20
N VAL B 73 15.21 -21.66 -3.74
CA VAL B 73 15.34 -21.53 -5.20
C VAL B 73 16.68 -21.00 -5.66
N LEU B 74 17.03 -21.37 -6.88
CA LEU B 74 18.21 -20.85 -7.52
C LEU B 74 17.92 -19.44 -7.96
N HIS B 75 18.86 -18.55 -7.61
CA HIS B 75 18.77 -17.13 -7.89
C HIS B 75 18.41 -16.91 -9.35
N GLN B 76 19.22 -17.47 -10.24
CA GLN B 76 19.03 -17.28 -11.67
C GLN B 76 17.70 -17.82 -12.21
N ASP B 77 17.24 -18.94 -11.67
CA ASP B 77 15.91 -19.48 -11.99
C ASP B 77 14.79 -18.50 -11.70
N TRP B 78 14.85 -17.84 -10.55
CA TRP B 78 13.81 -16.89 -10.17
C TRP B 78 13.85 -15.70 -11.11
N LEU B 79 15.07 -15.20 -11.32
CA LEU B 79 15.25 -14.03 -12.20
C LEU B 79 14.92 -14.29 -13.65
N ASN B 80 15.09 -15.54 -14.09
CA ASN B 80 14.77 -15.99 -15.47
C ASN B 80 13.29 -16.31 -15.69
N GLY B 81 12.49 -16.15 -14.65
CA GLY B 81 11.05 -16.32 -14.76
C GLY B 81 10.54 -17.74 -14.62
N LYS B 82 11.36 -18.65 -14.08
CA LYS B 82 10.86 -20.03 -13.96
C LYS B 82 9.61 -20.01 -13.09
N GLU B 83 8.73 -20.95 -13.33
CA GLU B 83 7.48 -20.97 -12.61
C GLU B 83 7.51 -22.01 -11.49
N TYR B 84 7.03 -21.62 -10.31
CA TYR B 84 7.13 -22.41 -9.09
C TYR B 84 5.77 -22.82 -8.60
N LYS B 85 5.54 -24.14 -8.68
CA LYS B 85 4.25 -24.72 -8.40
C LYS B 85 4.20 -25.42 -7.04
N CYS B 86 3.36 -24.90 -6.15
CA CYS B 86 2.97 -25.58 -4.93
C CYS B 86 1.70 -26.44 -5.16
N LYS B 87 1.70 -27.66 -4.62
CA LYS B 87 0.60 -28.64 -4.71
C LYS B 87 0.24 -29.13 -3.31
N VAL B 88 -0.99 -28.84 -2.85
CA VAL B 88 -1.39 -29.15 -1.49
C VAL B 88 -2.56 -30.16 -1.48
N SER B 89 -2.34 -31.33 -0.86
CA SER B 89 -3.42 -32.29 -0.61
C SER B 89 -3.71 -32.50 0.88
N ASN B 90 -4.98 -32.74 1.19
CA ASN B 90 -5.52 -32.83 2.56
C ASN B 90 -6.84 -33.60 2.52
N LYS B 91 -7.06 -34.47 3.50
CA LYS B 91 -8.29 -35.29 3.55
C LYS B 91 -9.59 -34.48 3.37
N ALA B 92 -9.62 -33.25 3.89
CA ALA B 92 -10.83 -32.41 3.78
C ALA B 92 -10.97 -31.75 2.41
N LEU B 93 -9.84 -31.69 1.66
CA LEU B 93 -9.89 -31.16 0.29
C LEU B 93 -10.58 -32.14 -0.66
N PRO B 94 -11.48 -31.63 -1.53
CA PRO B 94 -12.17 -32.48 -2.50
C PRO B 94 -11.28 -32.75 -3.72
N ALA B 95 -10.54 -31.72 -4.11
CA ALA B 95 -9.48 -31.80 -5.11
C ALA B 95 -8.25 -31.11 -4.50
N PRO B 96 -7.05 -31.67 -4.76
CA PRO B 96 -5.83 -31.00 -4.31
C PRO B 96 -5.79 -29.55 -4.78
N ILE B 97 -5.06 -28.72 -4.05
CA ILE B 97 -4.91 -27.33 -4.44
C ILE B 97 -3.53 -27.11 -5.04
N GLU B 98 -3.53 -26.72 -6.30
CA GLU B 98 -2.32 -26.23 -6.91
C GLU B 98 -2.34 -24.74 -6.75
N LYS B 99 -1.15 -24.15 -6.66
CA LYS B 99 -0.97 -22.70 -6.66
C LYS B 99 0.37 -22.35 -7.28
N THR B 100 0.39 -21.25 -8.02
CA THR B 100 1.57 -20.88 -8.79
C THR B 100 1.90 -19.41 -8.69
N ILE B 101 3.21 -19.17 -8.79
CA ILE B 101 3.87 -17.90 -8.60
C ILE B 101 5.12 -17.89 -9.47
N SER B 102 5.59 -16.67 -9.76
CA SER B 102 6.67 -16.43 -10.68
C SER B 102 7.06 -14.95 -10.59
N LYS B 103 8.22 -14.62 -11.10
CA LYS B 103 8.60 -13.20 -11.14
C LYS B 103 7.75 -12.47 -12.20
N ALA B 104 7.38 -11.22 -11.92
CA ALA B 104 6.73 -10.38 -12.93
C ALA B 104 7.48 -10.37 -14.28
N LYS B 105 6.72 -10.55 -15.35
CA LYS B 105 7.22 -10.59 -16.72
C LYS B 105 7.51 -9.22 -17.35
N GLY B 106 8.58 -9.17 -18.17
CA GLY B 106 8.95 -7.96 -18.91
C GLY B 106 10.43 -7.60 -18.80
N GLN B 107 10.88 -6.82 -19.76
CA GLN B 107 12.24 -6.32 -19.76
C GLN B 107 12.52 -5.55 -18.45
N PRO B 108 13.53 -5.96 -17.67
CA PRO B 108 13.80 -5.12 -16.47
C PRO B 108 14.33 -3.73 -16.81
N ARG B 109 14.02 -2.73 -15.97
CA ARG B 109 14.46 -1.37 -16.21
C ARG B 109 15.17 -0.82 -14.97
N GLU B 110 16.25 -0.08 -15.23
CA GLU B 110 17.18 0.37 -14.24
C GLU B 110 16.56 1.47 -13.40
N PRO B 111 16.55 1.29 -12.06
CA PRO B 111 16.12 2.44 -11.28
C PRO B 111 17.04 3.64 -11.41
N GLN B 112 16.43 4.81 -11.44
CA GLN B 112 17.10 6.10 -11.34
CA GLN B 112 17.20 6.02 -11.32
C GLN B 112 17.00 6.48 -9.88
N VAL B 113 18.13 6.81 -9.24
CA VAL B 113 18.15 7.05 -7.81
C VAL B 113 18.56 8.51 -7.56
N TYR B 114 17.69 9.29 -6.89
CA TYR B 114 17.95 10.70 -6.61
C TYR B 114 17.77 11.01 -5.13
N THR B 115 18.78 11.61 -4.52
CA THR B 115 18.66 12.06 -3.14
C THR B 115 18.24 13.54 -3.13
N LEU B 116 17.29 13.87 -2.24
CA LEU B 116 16.79 15.22 -2.05
C LEU B 116 17.02 15.61 -0.58
N PRO B 117 17.65 16.76 -0.34
CA PRO B 117 17.85 17.26 1.03
C PRO B 117 16.52 17.69 1.68
N PRO B 118 16.50 17.89 3.03
CA PRO B 118 15.33 18.48 3.66
C PRO B 118 14.98 19.84 3.06
N SER B 119 13.70 20.17 3.09
CA SER B 119 13.17 21.46 2.65
C SER B 119 13.60 22.52 3.66
N ARG B 120 13.72 23.77 3.20
CA ARG B 120 14.06 24.88 4.10
C ARG B 120 13.08 24.98 5.28
N ASP B 121 11.80 24.77 4.98
CA ASP B 121 10.74 24.83 5.99
C ASP B 121 10.96 23.86 7.13
N GLU B 122 11.52 22.69 6.82
CA GLU B 122 11.63 21.64 7.83
C GLU B 122 12.75 21.96 8.82
N LEU B 123 13.65 22.86 8.44
CA LEU B 123 14.86 23.07 9.21
C LEU B 123 14.64 23.76 10.55
N THR B 124 13.39 24.09 10.88
CA THR B 124 13.02 24.57 12.21
C THR B 124 12.75 23.45 13.22
N LYS B 125 12.73 22.21 12.74
CA LYS B 125 12.44 21.07 13.60
C LYS B 125 13.73 20.50 14.22
N ASN B 126 13.60 19.69 15.27
CA ASN B 126 14.76 19.03 15.88
C ASN B 126 15.30 17.88 14.99
N GLN B 127 14.42 17.34 14.14
CA GLN B 127 14.75 16.26 13.21
C GLN B 127 14.31 16.60 11.79
N VAL B 128 15.03 16.05 10.81
CA VAL B 128 14.80 16.39 9.40
C VAL B 128 14.71 15.13 8.55
N SER B 129 14.26 15.27 7.32
CA SER B 129 13.91 14.13 6.49
C SER B 129 14.85 14.14 5.30
N LEU B 130 15.58 13.05 5.15
CA LEU B 130 16.40 12.86 3.97
C LEU B 130 15.62 11.95 3.04
N THR B 131 15.46 12.42 1.80
CA THR B 131 14.63 11.72 0.80
C THR B 131 15.44 11.08 -0.33
N CYS B 132 15.13 9.81 -0.59
CA CYS B 132 15.65 9.10 -1.73
C CYS B 132 14.47 8.75 -2.65
N LEU B 133 14.49 9.32 -3.85
CA LEU B 133 13.55 9.00 -4.90
C LEU B 133 14.18 7.95 -5.84
N VAL B 134 13.50 6.81 -5.95
CA VAL B 134 13.93 5.72 -6.82
C VAL B 134 12.82 5.55 -7.85
N LYS B 135 13.09 5.87 -9.12
CA LYS B 135 12.03 5.81 -10.11
C LYS B 135 12.44 5.08 -11.41
N GLY B 136 11.46 4.71 -12.22
CA GLY B 136 11.72 4.16 -13.56
C GLY B 136 12.11 2.69 -13.54
N PHE B 137 11.79 1.97 -12.46
CA PHE B 137 12.30 0.63 -12.31
C PHE B 137 11.26 -0.45 -12.60
N TYR B 138 11.73 -1.60 -13.09
CA TYR B 138 10.87 -2.73 -13.42
C TYR B 138 11.70 -4.01 -13.36
N PRO B 139 11.17 -5.08 -12.74
CA PRO B 139 9.88 -5.18 -12.06
C PRO B 139 9.91 -4.45 -10.69
N SER B 140 8.79 -4.50 -9.98
CA SER B 140 8.69 -3.79 -8.71
C SER B 140 9.52 -4.32 -7.52
N ASP B 141 10.17 -5.48 -7.68
CA ASP B 141 11.01 -6.07 -6.64
C ASP B 141 12.30 -5.26 -6.45
N ILE B 142 12.47 -4.74 -5.25
CA ILE B 142 13.54 -3.81 -4.96
C ILE B 142 13.81 -3.81 -3.46
N ALA B 143 15.05 -3.49 -3.10
CA ALA B 143 15.37 -3.25 -1.70
C ALA B 143 16.13 -1.93 -1.59
N VAL B 144 15.80 -1.20 -0.52
CA VAL B 144 16.36 0.12 -0.24
C VAL B 144 16.85 0.18 1.21
N GLU B 145 18.08 0.64 1.42
CA GLU B 145 18.67 0.85 2.77
C GLU B 145 19.40 2.18 2.86
N TRP B 146 19.72 2.56 4.09
CA TRP B 146 20.48 3.77 4.34
C TRP B 146 21.66 3.47 5.25
N GLU B 147 22.77 4.16 4.98
CA GLU B 147 23.93 4.07 5.83
C GLU B 147 24.62 5.42 5.95
N SER B 148 25.51 5.49 6.91
CA SER B 148 26.38 6.64 7.05
C SER B 148 27.71 6.11 7.59
N ASN B 149 28.81 6.48 6.93
CA ASN B 149 30.14 6.06 7.35
C ASN B 149 30.24 4.53 7.38
N GLY B 150 29.68 3.92 6.34
CA GLY B 150 29.64 2.48 6.23
C GLY B 150 28.73 1.79 7.24
N GLN B 151 28.14 2.57 8.18
CA GLN B 151 27.30 2.04 9.25
C GLN B 151 25.82 2.20 8.96
N PRO B 152 25.02 1.17 9.27
CA PRO B 152 23.61 1.25 8.87
C PRO B 152 22.82 2.29 9.66
N GLU B 153 22.06 3.12 8.94
CA GLU B 153 21.08 4.04 9.54
C GLU B 153 19.76 3.31 9.55
N ASN B 154 19.17 3.14 10.72
CA ASN B 154 17.94 2.32 10.76
C ASN B 154 16.58 3.06 10.91
N ASN B 155 16.65 4.35 11.22
CA ASN B 155 15.47 5.21 11.38
C ASN B 155 14.91 5.75 10.03
N TYR B 156 14.58 4.83 9.13
CA TYR B 156 14.00 5.15 7.84
C TYR B 156 12.73 4.33 7.59
N LYS B 157 11.92 4.80 6.64
CA LYS B 157 10.74 4.08 6.23
C LYS B 157 10.69 4.31 4.75
N THR B 158 10.26 3.28 4.05
CA THR B 158 10.24 3.30 2.61
C THR B 158 8.80 3.04 2.18
N THR B 159 8.31 3.82 1.22
CA THR B 159 6.99 3.50 0.67
C THR B 159 7.00 2.23 -0.19
N PRO B 160 5.85 1.54 -0.31
CA PRO B 160 5.75 0.47 -1.29
C PRO B 160 6.04 1.05 -2.69
N PRO B 161 6.33 0.18 -3.68
CA PRO B 161 6.42 0.63 -5.07
C PRO B 161 5.05 1.09 -5.59
N VAL B 162 5.06 2.11 -6.43
CA VAL B 162 3.85 2.64 -7.02
C VAL B 162 4.03 2.58 -8.54
N LEU B 163 2.98 2.11 -9.21
CA LEU B 163 2.89 2.05 -10.67
C LEU B 163 2.85 3.48 -11.20
N ASP B 164 3.86 3.85 -11.99
CA ASP B 164 3.90 5.17 -12.66
C ASP B 164 3.19 5.18 -14.02
N SER B 165 3.03 6.35 -14.61
CA SER B 165 2.25 6.46 -15.83
C SER B 165 2.88 5.80 -17.05
N ASP B 166 4.15 5.38 -16.97
CA ASP B 166 4.82 4.73 -18.10
C ASP B 166 4.95 3.22 -17.92
N GLY B 167 4.33 2.69 -16.86
CA GLY B 167 4.35 1.26 -16.61
C GLY B 167 5.53 0.80 -15.77
N SER B 168 6.44 1.72 -15.46
CA SER B 168 7.51 1.45 -14.50
C SER B 168 7.01 1.74 -13.07
N PHE B 169 7.84 1.48 -12.07
CA PHE B 169 7.48 1.75 -10.68
C PHE B 169 8.37 2.85 -10.08
N PHE B 170 7.86 3.51 -9.03
CA PHE B 170 8.69 4.41 -8.23
C PHE B 170 8.42 4.22 -6.78
N LEU B 171 9.36 4.65 -5.94
CA LEU B 171 9.06 4.75 -4.51
C LEU B 171 9.87 5.90 -3.94
N TYR B 172 9.61 6.21 -2.66
CA TYR B 172 10.44 7.16 -1.93
C TYR B 172 10.85 6.51 -0.63
N SER B 173 12.06 6.81 -0.18
CA SER B 173 12.56 6.38 1.13
C SER B 173 12.85 7.65 1.93
N LYS B 174 12.39 7.67 3.19
CA LYS B 174 12.59 8.79 4.09
C LYS B 174 13.47 8.38 5.27
N LEU B 175 14.64 9.00 5.36
CA LEU B 175 15.50 8.81 6.52
C LEU B 175 15.35 9.99 7.47
N THR B 176 15.07 9.69 8.72
CA THR B 176 14.93 10.77 9.68
C THR B 176 16.16 10.88 10.54
N VAL B 177 16.79 12.06 10.54
CA VAL B 177 17.98 12.33 11.37
C VAL B 177 17.86 13.59 12.21
N ASP B 178 18.49 13.58 13.38
CA ASP B 178 18.74 14.81 14.14
C ASP B 178 19.29 15.93 13.24
N LYS B 179 18.69 17.10 13.33
CA LYS B 179 19.06 18.24 12.49
C LYS B 179 20.55 18.55 12.62
N SER B 180 21.09 18.34 13.81
CA SER B 180 22.47 18.68 14.11
C SER B 180 23.41 17.81 13.29
N ARG B 181 23.07 16.51 13.19
CA ARG B 181 23.82 15.57 12.34
C ARG B 181 23.88 16.04 10.89
N TRP B 182 22.74 16.53 10.38
CA TRP B 182 22.68 17.13 9.05
C TRP B 182 23.54 18.41 8.96
N GLN B 183 23.44 19.30 9.96
CA GLN B 183 24.25 20.53 9.96
C GLN B 183 25.78 20.32 10.08
N GLN B 184 26.19 19.49 11.04
CA GLN B 184 27.60 19.08 11.22
C GLN B 184 28.27 18.48 9.96
N GLY B 185 27.48 18.02 9.00
CA GLY B 185 27.99 17.73 7.66
C GLY B 185 28.23 16.28 7.34
N ASN B 186 27.60 15.38 8.11
CA ASN B 186 27.67 13.93 7.90
C ASN B 186 27.14 13.50 6.51
N VAL B 187 27.77 12.51 5.90
CA VAL B 187 27.29 11.99 4.60
C VAL B 187 26.35 10.85 4.88
N PHE B 188 25.23 10.84 4.19
CA PHE B 188 24.24 9.76 4.30
C PHE B 188 24.10 9.11 2.94
N SER B 189 24.05 7.80 2.89
CA SER B 189 23.89 7.11 1.62
C SER B 189 22.62 6.28 1.55
N CYS B 190 21.90 6.44 0.46
CA CYS B 190 20.75 5.62 0.09
C CYS B 190 21.31 4.50 -0.80
N SER B 191 21.18 3.24 -0.42
CA SER B 191 21.54 2.17 -1.35
C SER B 191 20.32 1.38 -1.86
N VAL B 192 20.41 1.01 -3.13
CA VAL B 192 19.27 0.46 -3.83
C VAL B 192 19.73 -0.84 -4.43
N MET B 193 19.00 -1.92 -4.18
CA MET B 193 19.30 -3.19 -4.86
C MET B 193 18.17 -3.58 -5.82
N HIS B 194 18.53 -3.94 -7.05
CA HIS B 194 17.60 -4.18 -8.14
C HIS B 194 18.31 -4.95 -9.21
N GLU B 195 17.59 -5.88 -9.82
CA GLU B 195 18.19 -6.74 -10.80
C GLU B 195 18.78 -6.01 -12.00
N ALA B 196 18.14 -4.90 -12.41
CA ALA B 196 18.60 -4.17 -13.62
C ALA B 196 19.80 -3.25 -13.34
N LEU B 197 20.26 -3.15 -12.08
CA LEU B 197 21.49 -2.41 -11.80
C LEU B 197 22.75 -3.26 -12.00
N HIS B 198 23.83 -2.61 -12.43
CA HIS B 198 25.12 -3.27 -12.54
C HIS B 198 25.54 -3.77 -11.14
N ASN B 199 25.97 -5.03 -11.05
CA ASN B 199 26.15 -5.71 -9.77
C ASN B 199 24.94 -5.58 -8.79
N HIS B 200 23.74 -5.42 -9.32
CA HIS B 200 22.50 -5.38 -8.53
C HIS B 200 22.44 -4.34 -7.42
N TYR B 201 23.28 -3.33 -7.53
CA TYR B 201 23.44 -2.43 -6.44
C TYR B 201 23.91 -1.08 -6.91
N THR B 202 23.44 -0.03 -6.25
CA THR B 202 23.94 1.35 -6.41
C THR B 202 23.65 2.15 -5.13
N GLN B 203 24.49 3.15 -4.89
CA GLN B 203 24.41 4.06 -3.76
C GLN B 203 24.44 5.49 -4.26
N LYS B 204 23.62 6.35 -3.66
CA LYS B 204 23.74 7.79 -3.84
C LYS B 204 23.90 8.45 -2.51
N SER B 205 24.89 9.33 -2.42
CA SER B 205 25.17 10.12 -1.23
C SER B 205 24.37 11.40 -1.12
N LEU B 206 24.23 11.88 0.11
CA LEU B 206 23.50 13.10 0.40
C LEU B 206 24.20 13.74 1.60
N SER B 207 24.63 14.99 1.46
CA SER B 207 25.23 15.72 2.57
C SER B 207 24.97 17.23 2.44
N LEU B 208 25.16 17.97 3.54
CA LEU B 208 24.84 19.40 3.55
C LEU B 208 25.81 20.13 2.63
N SER B 209 25.27 20.70 1.54
CA SER B 209 26.12 21.42 0.53
C SER B 209 26.15 22.93 0.78
C1 NAG C . -20.41 -13.28 -8.53
C2 NAG C . -19.14 -13.59 -7.70
C3 NAG C . -18.92 -12.54 -6.62
C4 NAG C . -18.80 -11.15 -7.21
C5 NAG C . -20.05 -10.92 -8.12
C6 NAG C . -19.82 -9.60 -8.82
C7 NAG C . -18.67 -16.00 -7.38
C8 NAG C . -17.80 -15.91 -8.65
N2 NAG C . -19.26 -14.88 -7.00
O3 NAG C . -17.76 -12.90 -5.90
O4 NAG C . -18.73 -10.11 -6.18
O5 NAG C . -20.31 -11.99 -9.12
O6 NAG C . -18.73 -10.04 -9.63
O7 NAG C . -18.80 -17.06 -6.77
C1 NAG C . -17.38 -9.74 -5.82
C2 NAG C . -17.41 -8.30 -5.40
C3 NAG C . -16.04 -7.90 -4.82
C4 NAG C . -15.73 -8.73 -3.55
C5 NAG C . -15.80 -10.18 -4.08
C6 NAG C . -15.63 -11.23 -2.97
C7 NAG C . -18.62 -6.52 -6.61
C8 NAG C . -18.66 -5.82 -7.97
N2 NAG C . -17.68 -7.47 -6.58
O3 NAG C . -16.06 -6.52 -4.52
O4 NAG C . -14.39 -8.61 -3.14
O5 NAG C . -17.06 -10.48 -4.69
O6 NAG C . -15.43 -12.50 -3.58
O7 NAG C . -19.40 -6.23 -5.69
C1 BMA C . -14.12 -7.60 -2.23
C2 BMA C . -12.94 -8.01 -1.37
C3 BMA C . -12.58 -6.83 -0.40
C4 BMA C . -12.34 -5.55 -1.17
C5 BMA C . -13.45 -5.31 -2.21
C6 BMA C . -13.07 -4.12 -3.11
O2 BMA C . -11.81 -8.37 -2.19
O3 BMA C . -11.35 -7.08 0.25
O4 BMA C . -12.36 -4.49 -0.23
O5 BMA C . -13.71 -6.49 -3.05
O6 BMA C . -14.40 -3.84 -3.69
C1 MAN C . -11.52 -7.48 1.61
C2 MAN C . -10.15 -7.35 2.25
C3 MAN C . -9.15 -8.36 1.71
C4 MAN C . -9.66 -9.73 2.14
C5 MAN C . -11.06 -9.94 1.48
C6 MAN C . -11.80 -11.24 1.89
O2 MAN C . -10.29 -7.76 3.62
O3 MAN C . -7.87 -8.05 2.26
O4 MAN C . -8.72 -10.75 1.80
O5 MAN C . -12.01 -8.84 1.75
O6 MAN C . -12.86 -11.48 0.93
C1 NAG C . -10.40 -6.57 4.40
C2 NAG C . -10.88 -6.88 5.81
C3 NAG C . -11.05 -5.54 6.54
C4 NAG C . -9.82 -4.60 6.36
C5 NAG C . -9.24 -4.64 4.93
C6 NAG C . -7.81 -4.09 4.80
C7 NAG C . -12.31 -8.95 5.83
C8 NAG C . -11.06 -9.79 6.19
N2 NAG C . -12.15 -7.61 5.69
O3 NAG C . -11.23 -5.82 7.92
O4 NAG C . -10.16 -3.24 6.69
O5 NAG C . -9.11 -5.97 4.47
O6 NAG C . -7.32 -4.42 3.48
O7 NAG C . -13.41 -9.49 5.69
C1 MAN C . -14.39 -2.55 -4.27
C2 MAN C . -15.76 -2.24 -4.86
C3 MAN C . -16.09 -3.19 -6.07
C4 MAN C . -14.96 -3.21 -7.12
C5 MAN C . -13.63 -3.46 -6.44
C6 MAN C . -12.46 -3.37 -7.46
O2 MAN C . -15.68 -0.90 -5.33
O3 MAN C . -17.35 -2.84 -6.67
O4 MAN C . -15.19 -4.22 -8.13
O5 MAN C . -13.43 -2.49 -5.34
O6 MAN C . -11.24 -3.28 -6.72
C1 NAG C . -15.98 0.04 -4.36
C2 NAG C . -15.41 1.36 -4.88
C3 NAG C . -15.71 2.53 -3.92
C4 NAG C . -17.23 2.54 -3.60
C5 NAG C . -17.66 1.15 -3.13
C6 NAG C . -19.10 0.90 -2.81
C7 NAG C . -13.46 1.00 -6.34
C8 NAG C . -14.46 0.87 -7.51
N2 NAG C . -13.98 1.21 -5.12
O3 NAG C . -15.39 3.74 -4.59
O4 NAG C . -17.61 3.58 -2.69
O5 NAG C . -17.40 0.26 -4.24
O6 NAG C . -19.89 1.11 -3.97
O7 NAG C . -12.24 0.92 -6.54
C1 FUC C . -18.96 -9.29 -10.82
C2 FUC C . -17.64 -8.80 -11.40
C3 FUC C . -16.76 -9.98 -11.78
C4 FUC C . -17.54 -10.87 -12.71
C5 FUC C . -18.79 -11.29 -11.99
C6 FUC C . -19.59 -12.32 -12.79
O2 FUC C . -16.98 -7.96 -10.46
O3 FUC C . -15.57 -9.54 -12.42
O4 FUC C . -17.89 -10.15 -13.88
O5 FUC C . -19.57 -10.13 -11.77
C1 NAG D . -7.42 -18.24 12.52
C2 NAG D . -8.25 -17.61 11.37
C3 NAG D . -7.41 -17.35 10.10
C4 NAG D . -6.14 -16.52 10.43
C5 NAG D . -5.37 -17.12 11.63
C6 NAG D . -4.38 -16.07 12.08
C7 NAG D . -10.69 -18.11 11.23
C8 NAG D . -10.91 -16.76 11.94
N2 NAG D . -9.41 -18.45 11.00
O3 NAG D . -8.19 -16.68 9.09
O4 NAG D . -5.17 -16.50 9.35
O5 NAG D . -6.18 -17.50 12.78
O6 NAG D . -5.09 -14.88 12.43
O7 NAG D . -11.64 -18.80 10.91
C1 NAG D . -5.29 -15.46 8.35
C2 NAG D . -3.85 -15.39 7.88
C3 NAG D . -3.68 -14.66 6.50
C4 NAG D . -4.71 -15.12 5.44
C5 NAG D . -6.11 -15.35 6.03
C6 NAG D . -7.00 -16.20 5.09
C7 NAG D . -1.90 -15.50 9.35
C8 NAG D . -1.12 -14.82 10.49
N2 NAG D . -3.00 -14.84 8.95
O3 NAG D . -2.37 -14.95 6.00
O4 NAG D . -4.93 -14.15 4.41
O5 NAG D . -6.11 -16.02 7.32
O6 NAG D . -8.35 -16.14 5.51
O7 NAG D . -1.51 -16.56 8.87
C1 BMA D . -4.05 -14.12 3.24
C2 BMA D . -4.89 -13.56 2.10
C3 BMA D . -4.05 -13.14 0.87
C4 BMA D . -2.74 -12.40 1.23
C5 BMA D . -2.05 -13.10 2.40
C6 BMA D . -0.88 -12.25 2.79
O2 BMA D . -5.59 -12.41 2.59
O3 BMA D . -4.84 -12.25 0.08
O4 BMA D . -1.88 -12.41 0.09
O5 BMA D . -2.95 -13.20 3.53
O6 BMA D . -0.14 -13.12 3.64
C1 MAN D . -5.23 -12.88 -1.12
C2 MAN D . -5.57 -11.70 -2.01
C3 MAN D . -6.83 -10.95 -1.60
C4 MAN D . -7.99 -11.93 -1.37
C5 MAN D . -7.58 -13.11 -0.44
C6 MAN D . -8.66 -14.18 -0.24
O2 MAN D . -5.94 -12.21 -3.26
O3 MAN D . -7.22 -10.05 -2.62
O4 MAN D . -9.08 -11.20 -0.85
O5 MAN D . -6.39 -13.78 -0.97
O6 MAN D . -8.76 -14.54 1.14
C1 NAG D . -4.82 -12.39 -4.10
C2 NAG D . -5.52 -12.94 -5.35
C3 NAG D . -4.68 -12.69 -6.60
C4 NAG D . -3.17 -12.56 -6.28
C5 NAG D . -2.87 -11.50 -5.16
C6 NAG D . -2.32 -10.15 -5.74
C7 NAG D . -6.82 -14.96 -4.69
C8 NAG D . -8.10 -14.08 -4.59
N2 NAG D . -5.69 -14.36 -5.06
O3 NAG D . -5.16 -11.51 -7.29
O4 NAG D . -2.66 -13.86 -5.92
O5 NAG D . -4.04 -11.20 -4.33
O6 NAG D . -3.40 -9.27 -6.08
O7 NAG D . -6.88 -16.16 -4.44
C1 MAN D . 1.03 -12.47 4.21
C2 MAN D . 1.74 -13.49 5.09
C3 MAN D . 0.98 -13.72 6.41
C4 MAN D . 0.81 -12.40 7.17
C5 MAN D . 0.07 -11.38 6.28
C6 MAN D . 0.10 -9.96 6.86
O2 MAN D . 3.05 -12.98 5.37
O3 MAN D . 1.70 -14.63 7.24
O4 MAN D . 0.10 -12.63 8.39
O5 MAN D . 0.75 -11.26 5.00
O6 MAN D . -0.71 -9.12 6.03
C1 NAG D . 3.96 -13.37 4.37
C2 NAG D . 5.09 -12.37 4.55
C3 NAG D . 6.29 -12.76 3.65
C4 NAG D . 6.72 -14.20 3.93
C5 NAG D . 5.50 -15.11 3.74
C6 NAG D . 5.84 -16.53 4.11
C7 NAG D . 4.29 -10.09 5.22
C8 NAG D . 4.59 -10.50 6.68
N2 NAG D . 4.55 -11.00 4.28
O3 NAG D . 7.38 -11.90 3.90
O4 NAG D . 7.79 -14.62 3.08
O5 NAG D . 4.47 -14.66 4.64
O6 NAG D . 5.97 -16.60 5.52
O7 NAG D . 3.88 -8.96 4.97
C1 FUC D . -4.17 -13.85 12.11
C2 FUC D . -4.83 -12.48 12.00
C3 FUC D . -5.66 -12.24 13.23
C4 FUC D . -4.74 -12.31 14.43
C5 FUC D . -3.98 -13.63 14.42
C6 FUC D . -2.99 -13.68 15.57
O2 FUC D . -5.63 -12.34 10.82
O3 FUC D . -6.24 -10.94 13.17
O4 FUC D . -3.77 -11.28 14.31
O5 FUC D . -3.27 -13.73 13.20
NCG X12 E . 33.59 -14.10 -18.72
CCF X12 E . 33.92 -15.18 -18.03
NCH X12 E . 34.66 -15.05 -16.92
NCE X12 E . 33.51 -16.38 -18.46
CCD X12 E . 33.84 -17.63 -17.74
CCC X12 E . 32.63 -18.05 -16.90
CCB X12 E . 32.67 -17.37 -15.51
CCA X12 E . 32.01 -18.23 -14.41
NBZ X12 E . 30.56 -18.34 -14.66
CCI X12 E . 32.67 -19.62 -14.30
OCJ X12 E . 33.89 -19.75 -14.37
NBS X12 E . 31.81 -20.63 -14.11
CBT X12 E . 32.24 -22.03 -13.98
CBU X12 E . 31.28 -23.06 -14.65
CBW X12 E . 30.29 -22.39 -15.62
OBV X12 E . 32.07 -24.04 -15.33
CBX X12 E . 32.55 -22.38 -12.48
OBY X12 E . 33.69 -22.72 -12.21
NBG X12 E . 31.63 -22.29 -11.49
CBH X12 E . 30.17 -21.94 -11.43
CBI X12 E . 29.77 -20.68 -12.22
CBJ X12 E . 28.25 -20.41 -12.36
CBK X12 E . 27.28 -21.35 -11.97
CBL X12 E . 25.93 -21.05 -12.12
CBM X12 E . 25.53 -19.82 -12.65
OBN X12 E . 24.20 -19.53 -12.79
CBO X12 E . 26.48 -18.89 -13.03
CBP X12 E . 27.84 -19.18 -12.88
CBQ X12 E . 29.85 -21.77 -9.93
OBR X12 E . 29.23 -20.78 -9.51
NAX X12 E . 30.31 -22.76 -9.15
CAY X12 E . 30.16 -22.86 -7.68
CBE X12 E . 28.70 -23.16 -7.30
OBF X12 E . 27.76 -22.77 -7.99
NAO X12 E . 28.59 -23.85 -6.15
CAP X12 E . 27.36 -24.32 -5.45
CAV X12 E . 26.03 -23.70 -5.98
OAW X12 E . 25.07 -24.41 -6.26
NX1 X12 E . 26.00 -22.37 -6.13
CXA X12 E . 24.80 -21.67 -6.63
CX X12 E . 23.98 -21.11 -5.46
OXT X12 E . 23.71 -19.89 -5.50
OX X12 E . 23.63 -21.91 -4.57
CAQ X12 E . 27.55 -24.07 -3.93
CAR X12 E . 27.86 -25.38 -3.20
CAS X12 E . 29.22 -25.38 -2.44
CAT X12 E . 30.10 -24.18 -2.92
NAU X12 E . 31.18 -23.87 -1.93
CAZ X12 E . 30.62 -21.60 -6.94
CBA X12 E . 32.13 -21.35 -7.01
CBB X12 E . 32.60 -20.33 -5.96
CBC X12 E . 31.69 -19.10 -5.85
NBD X12 E . 32.27 -17.94 -6.56
CDD X12 E . 31.64 -16.78 -6.71
ODE X12 E . 30.51 -16.51 -6.27
CCU X12 E . 32.41 -15.70 -7.51
CCV X12 E . 33.94 -15.93 -7.38
CCW X12 E . 34.61 -14.75 -6.69
CCX X12 E . 35.31 -13.82 -7.45
CCY X12 E . 35.94 -12.73 -6.83
CCZ X12 E . 35.86 -12.59 -5.45
ODA X12 E . 36.47 -11.53 -4.84
CDB X12 E . 35.17 -13.52 -4.68
CDC X12 E . 34.55 -14.60 -5.30
NCT X12 E . 32.01 -15.67 -8.93
CDK X12 E . 31.27 -14.73 -9.57
ODL X12 E . 31.02 -14.83 -10.77
CDG X12 E . 30.75 -13.50 -8.79
CDH X12 E . 31.90 -12.51 -8.44
CDJ X12 E . 32.64 -11.96 -9.68
ODI X12 E . 31.42 -11.43 -7.64
NDF X12 E . 29.76 -12.75 -9.61
CDV X12 E . 28.46 -12.99 -9.87
ODW X12 E . 27.82 -12.22 -10.60
CDN X12 E . 27.78 -14.23 -9.26
NDM X12 E . 27.50 -15.22 -10.31
CDO X12 E . 26.46 -13.89 -8.53
CDP X12 E . 25.24 -13.64 -9.45
CDQ X12 E . 24.60 -12.26 -9.17
NDR X12 E . 23.46 -12.38 -8.23
CDS X12 E . 22.22 -12.68 -8.66
NDT X12 E . 21.92 -12.88 -9.94
NDU X12 E . 21.24 -12.79 -7.79
NBJ X12 E . 31.25 -36.67 -1.22
CB2 X12 E . 31.49 -35.30 -1.30
NBK X12 E . 30.56 -34.33 -2.02
NBH X12 E . 32.70 -34.96 -0.75
CBG X12 E . 33.03 -33.42 -0.80
CBF X12 E . 34.21 -33.16 0.14
CB3 X12 E . 34.84 -31.78 -0.13
CBD X12 E . 36.37 -31.90 -0.29
NBC X12 E . 36.82 -31.01 -1.38
CB1 X12 E . 37.09 -31.66 1.07
OBM X12 E . 37.18 -32.61 1.84
NAV X12 E . 37.56 -30.44 1.40
CAW X12 E . 37.57 -29.16 0.65
CAX X12 E . 38.49 -28.14 1.36
CA5 X12 E . 38.21 -28.01 2.87
OAY X12 E . 39.86 -28.49 1.14
CB4 X12 E . 36.14 -28.59 0.46
OBB X12 E . 35.26 -28.78 1.30
NAJ X12 E . 35.98 -27.89 -0.67
CAK X12 E . 34.71 -27.24 -1.11
CAL X12 E . 34.94 -26.62 -2.50
CAM X12 E . 34.54 -27.55 -3.64
CAN X12 E . 33.67 -27.08 -4.64
CAO X12 E . 33.29 -27.93 -5.70
CA1 X12 E . 33.78 -29.24 -5.74
OAQ X12 E . 33.43 -30.08 -6.75
CA2 X12 E . 34.64 -29.69 -4.74
CA3 X12 E . 35.01 -28.85 -3.70
CA4 X12 E . 34.23 -26.15 -0.14
OAU X12 E . 34.81 -25.94 0.93
N X12 E . 33.14 -25.48 -0.57
CA X12 E . 32.46 -24.38 0.15
C X12 E . 31.17 -23.99 -0.60
O X12 E . 30.11 -23.81 0.01
CB X12 E . 33.40 -23.17 0.25
CAD X12 E . 33.86 -22.91 1.69
CAE X12 E . 35.40 -22.75 1.78
CAF X12 E . 35.88 -21.32 1.48
NAG X12 E . 36.83 -21.37 0.36
CCG X12 E . 36.84 -20.56 -0.70
OCH X12 E . 36.05 -19.63 -0.88
CB5 X12 E . 37.96 -20.85 -1.72
CBY X12 E . 38.00 -22.37 -2.01
CBZ X12 E . 38.96 -23.10 -1.04
CC6 X12 E . 40.34 -22.89 -1.09
CC2 X12 E . 41.19 -23.56 -0.21
CC3 X12 E . 40.65 -24.44 0.73
OCD X12 E . 41.47 -25.09 1.60
CCE X12 E . 39.27 -24.65 0.79
CC1 X12 E . 38.43 -23.98 -0.10
NBW X12 E . 37.76 -20.05 -2.96
CCN X12 E . 38.65 -19.84 -3.96
OCO X12 E . 38.38 -19.14 -4.95
CCJ X12 E . 40.03 -20.53 -3.88
CCK X12 E . 40.18 -21.56 -5.02
CCM X12 E . 41.21 -22.64 -4.67
OCL X12 E . 38.90 -22.15 -5.31
NCI X12 E . 41.15 -19.56 -4.00
CC5 X12 E . 41.73 -18.87 -3.02
OCZ X12 E . 42.66 -18.08 -3.22
CCQ X12 E . 41.17 -19.06 -1.59
NCP X12 E . 40.46 -17.83 -1.20
CCR X12 E . 42.29 -19.36 -0.58
CCS X12 E . 41.75 -20.03 0.68
CCT X12 E . 42.33 -19.40 1.95
NCU X12 E . 41.59 -18.16 2.29
CC4 X12 E . 42.18 -16.97 2.19
NCX X12 E . 43.44 -16.86 1.78
NCW X12 E . 41.49 -15.87 2.51
#